data_3O81
#
_entry.id   3O81
#
_cell.length_a   36.920
_cell.length_b   30.480
_cell.length_c   87.360
_cell.angle_alpha   90.00
_cell.angle_beta   93.47
_cell.angle_gamma   90.00
#
_symmetry.space_group_name_H-M   'P 1 21 1'
#
loop_
_entity.id
_entity.type
_entity.pdbx_description
1 polymer Beta-2-microglobulin
2 water water
#
_entity_poly.entity_id   1
_entity_poly.type   'polypeptide(L)'
_entity_poly.pdbx_seq_one_letter_code
;MGKAAAVVLVTLVALLGLAQADLTPKVQVYSRFPASAGTKNVLNCFAAGFHPPKISITLMKDGVPMEGAQYSDMSFNDDW
TFQRLVHADFTPSSGSTYACKVEHETLKEPQVYKWDPEF
;
_entity_poly.pdbx_strand_id   A,B
#
# COMPACT_ATOMS: atom_id res chain seq x y z
N ALA A 21 1.80 -4.63 -10.35
CA ALA A 21 2.00 -6.04 -10.81
C ALA A 21 3.15 -6.75 -10.06
N ASP A 22 4.37 -6.23 -10.18
CA ASP A 22 5.52 -6.87 -9.51
C ASP A 22 5.72 -6.37 -8.08
N LEU A 23 5.24 -7.16 -7.11
CA LEU A 23 5.22 -6.75 -5.70
C LEU A 23 6.07 -7.65 -4.76
N THR A 24 6.96 -8.46 -5.33
CA THR A 24 7.90 -9.28 -4.55
C THR A 24 9.01 -8.41 -3.98
N PRO A 25 9.57 -8.77 -2.79
CA PRO A 25 10.64 -7.92 -2.26
C PRO A 25 11.90 -8.02 -3.12
N LYS A 26 12.52 -6.86 -3.36
CA LYS A 26 13.83 -6.75 -3.99
C LYS A 26 14.85 -6.52 -2.87
N VAL A 27 15.74 -7.49 -2.71
CA VAL A 27 16.53 -7.60 -1.48
C VAL A 27 18.03 -7.44 -1.77
N GLN A 28 18.72 -6.67 -0.92
CA GLN A 28 20.18 -6.55 -0.96
C GLN A 28 20.72 -6.91 0.43
N VAL A 29 21.77 -7.74 0.48
CA VAL A 29 22.50 -8.01 1.73
C VAL A 29 23.93 -7.53 1.59
N TYR A 30 24.41 -6.75 2.54
CA TYR A 30 25.72 -6.11 2.36
C TYR A 30 26.26 -5.63 3.70
N SER A 31 27.57 -5.59 3.85
CA SER A 31 28.17 -5.00 5.03
C SER A 31 28.41 -3.50 4.81
N ARG A 32 28.44 -2.75 5.90
CA ARG A 32 28.73 -1.34 5.86
C ARG A 32 30.10 -1.13 5.23
N PHE A 33 31.10 -1.88 5.71
CA PHE A 33 32.46 -1.73 5.25
C PHE A 33 32.90 -3.00 4.55
N PRO A 34 33.88 -2.90 3.62
CA PRO A 34 34.43 -4.16 3.10
C PRO A 34 34.89 -5.04 4.26
N ALA A 35 34.61 -6.33 4.19
CA ALA A 35 34.81 -7.21 5.35
C ALA A 35 36.28 -7.51 5.61
N SER A 36 36.69 -7.44 6.87
CA SER A 36 37.93 -8.08 7.30
C SER A 36 37.73 -8.76 8.64
N ALA A 37 38.26 -9.98 8.75
CA ALA A 37 38.07 -10.82 9.94
C ALA A 37 38.54 -10.08 11.21
N GLY A 38 37.72 -10.10 12.26
CA GLY A 38 38.08 -9.47 13.53
C GLY A 38 37.79 -7.98 13.62
N THR A 39 37.31 -7.38 12.54
CA THR A 39 37.03 -5.93 12.51
C THR A 39 35.52 -5.65 12.61
N LYS A 40 35.14 -4.83 13.58
CA LYS A 40 33.74 -4.44 13.80
CA LYS A 40 33.74 -4.47 13.79
C LYS A 40 33.13 -3.89 12.51
N ASN A 41 31.88 -4.26 12.25
CA ASN A 41 31.20 -3.92 11.03
C ASN A 41 29.68 -3.95 11.33
N VAL A 42 28.86 -3.80 10.29
CA VAL A 42 27.40 -3.85 10.42
C VAL A 42 26.91 -4.67 9.21
N LEU A 43 26.01 -5.62 9.43
CA LEU A 43 25.45 -6.37 8.32
C LEU A 43 24.07 -5.81 8.08
N ASN A 44 23.72 -5.58 6.82
CA ASN A 44 22.45 -4.96 6.43
C ASN A 44 21.69 -5.89 5.53
N CYS A 45 20.38 -5.95 5.73
CA CYS A 45 19.52 -6.54 4.71
C CYS A 45 18.41 -5.57 4.40
N PHE A 46 18.32 -5.19 3.11
CA PHE A 46 17.38 -4.16 2.66
C PHE A 46 16.38 -4.78 1.68
N ALA A 47 15.10 -4.64 2.00
CA ALA A 47 14.02 -5.14 1.17
C ALA A 47 13.16 -3.96 0.71
N ALA A 48 12.87 -3.89 -0.59
CA ALA A 48 12.04 -2.82 -1.12
C ALA A 48 11.13 -3.31 -2.25
N GLY A 49 10.11 -2.51 -2.59
CA GLY A 49 9.26 -2.82 -3.74
C GLY A 49 8.15 -3.82 -3.46
N PHE A 50 7.85 -4.07 -2.19
CA PHE A 50 6.87 -5.11 -1.87
C PHE A 50 5.50 -4.61 -1.38
N HIS A 51 4.48 -5.43 -1.62
CA HIS A 51 3.18 -5.25 -1.01
C HIS A 51 2.57 -6.65 -0.82
N PRO A 52 1.93 -6.92 0.33
CA PRO A 52 1.60 -6.04 1.46
C PRO A 52 2.79 -5.74 2.36
N PRO A 53 2.64 -4.74 3.26
CA PRO A 53 3.78 -4.37 4.10
C PRO A 53 4.30 -5.48 5.03
N LYS A 54 3.48 -6.48 5.36
CA LYS A 54 3.90 -7.56 6.23
C LYS A 54 5.04 -8.36 5.58
N ILE A 55 6.15 -8.46 6.30
CA ILE A 55 7.34 -9.13 5.78
C ILE A 55 8.20 -9.66 6.93
N SER A 56 8.81 -10.82 6.70
CA SER A 56 9.78 -11.37 7.62
CA SER A 56 9.79 -11.38 7.62
C SER A 56 11.16 -11.28 6.97
N ILE A 57 12.05 -10.55 7.62
CA ILE A 57 13.42 -10.39 7.16
C ILE A 57 14.35 -10.75 8.31
N THR A 58 15.18 -11.77 8.12
CA THR A 58 15.99 -12.28 9.23
C THR A 58 17.45 -12.43 8.83
N LEU A 59 18.31 -11.69 9.52
CA LEU A 59 19.75 -11.83 9.40
C LEU A 59 20.18 -13.09 10.13
N MET A 60 21.00 -13.89 9.44
CA MET A 60 21.34 -15.24 9.86
C MET A 60 22.86 -15.40 9.87
N LYS A 61 23.36 -16.13 10.86
CA LYS A 61 24.77 -16.50 10.95
C LYS A 61 24.81 -17.98 11.26
N ASP A 62 25.52 -18.74 10.43
CA ASP A 62 25.69 -20.19 10.67
C ASP A 62 24.34 -20.85 10.93
N GLY A 63 23.36 -20.46 10.12
CA GLY A 63 22.06 -21.10 10.10
C GLY A 63 21.10 -20.71 11.21
N VAL A 64 21.48 -19.70 12.01
CA VAL A 64 20.67 -19.28 13.15
C VAL A 64 20.52 -17.75 13.09
N PRO A 65 19.34 -17.20 13.45
CA PRO A 65 19.20 -15.74 13.42
C PRO A 65 20.29 -15.06 14.25
N MET A 66 20.84 -13.98 13.72
CA MET A 66 21.83 -13.22 14.45
C MET A 66 21.17 -12.42 15.54
N GLU A 67 21.80 -12.40 16.70
CA GLU A 67 21.38 -11.55 17.79
C GLU A 67 21.75 -10.11 17.51
N GLY A 68 20.96 -9.19 18.09
CA GLY A 68 21.30 -7.78 18.07
C GLY A 68 20.73 -7.01 16.89
N ALA A 69 19.90 -7.67 16.10
CA ALA A 69 19.32 -7.01 14.91
C ALA A 69 18.36 -5.89 15.31
N GLN A 70 18.36 -4.83 14.53
CA GLN A 70 17.48 -3.69 14.75
C GLN A 70 16.75 -3.41 13.43
N TYR A 71 15.43 -3.30 13.51
CA TYR A 71 14.57 -3.14 12.33
C TYR A 71 14.12 -1.70 12.20
N SER A 72 14.07 -1.21 10.97
CA SER A 72 13.58 0.14 10.70
C SER A 72 12.07 0.08 10.76
N ASP A 73 11.46 1.25 10.83
CA ASP A 73 10.07 1.40 10.51
C ASP A 73 9.85 0.93 9.08
N MET A 74 8.65 0.43 8.81
CA MET A 74 8.17 0.23 7.46
C MET A 74 8.01 1.59 6.84
N SER A 75 8.35 1.74 5.55
CA SER A 75 8.14 2.98 4.81
CA SER A 75 8.03 2.97 4.85
C SER A 75 7.52 2.71 3.45
N PHE A 76 6.67 3.60 2.99
CA PHE A 76 6.06 3.42 1.69
C PHE A 76 6.64 4.42 0.70
N ASN A 77 6.58 4.05 -0.57
CA ASN A 77 7.16 4.84 -1.63
C ASN A 77 6.08 5.29 -2.62
N ASP A 78 6.44 6.26 -3.45
CA ASP A 78 5.45 6.83 -4.37
CA ASP A 78 5.54 6.86 -4.43
C ASP A 78 4.92 5.83 -5.39
N ASP A 79 5.61 4.71 -5.59
CA ASP A 79 5.11 3.63 -6.47
C ASP A 79 4.19 2.65 -5.74
N TRP A 80 3.65 3.12 -4.60
CA TRP A 80 2.70 2.35 -3.79
CA TRP A 80 2.71 2.38 -3.77
C TRP A 80 3.27 1.05 -3.20
N THR A 81 4.58 0.99 -3.03
CA THR A 81 5.20 -0.19 -2.45
C THR A 81 5.95 0.16 -1.15
N PHE A 82 6.30 -0.87 -0.40
CA PHE A 82 6.92 -0.70 0.92
C PHE A 82 8.37 -1.16 0.95
N GLN A 83 9.09 -0.65 1.93
CA GLN A 83 10.46 -1.05 2.18
C GLN A 83 10.76 -1.16 3.67
N ARG A 84 11.82 -1.89 3.99
CA ARG A 84 12.29 -2.00 5.36
C ARG A 84 13.77 -2.31 5.37
N LEU A 85 14.46 -1.81 6.38
CA LEU A 85 15.86 -2.16 6.59
C LEU A 85 16.10 -2.85 7.94
N VAL A 86 16.89 -3.92 7.91
CA VAL A 86 17.38 -4.61 9.09
CA VAL A 86 17.40 -4.51 9.13
C VAL A 86 18.93 -4.50 9.12
N HIS A 87 19.50 -4.18 10.29
CA HIS A 87 20.95 -4.10 10.45
C HIS A 87 21.38 -4.63 11.80
N ALA A 88 22.60 -5.17 11.85
CA ALA A 88 23.13 -5.70 13.09
C ALA A 88 24.64 -5.45 13.13
N ASP A 89 25.10 -4.86 14.24
CA ASP A 89 26.55 -4.79 14.50
C ASP A 89 27.07 -6.23 14.52
N PHE A 90 28.18 -6.46 13.84
CA PHE A 90 28.79 -7.77 13.80
C PHE A 90 30.25 -7.68 13.41
N THR A 91 30.98 -8.71 13.81
CA THR A 91 32.38 -8.86 13.44
C THR A 91 32.45 -10.14 12.62
N PRO A 92 32.59 -10.01 11.29
CA PRO A 92 32.68 -11.21 10.44
C PRO A 92 33.83 -12.12 10.86
N SER A 93 33.56 -13.42 10.91
CA SER A 93 34.62 -14.40 11.11
C SER A 93 34.71 -15.30 9.90
N SER A 94 35.93 -15.71 9.59
CA SER A 94 36.16 -16.70 8.56
C SER A 94 35.60 -18.04 9.09
N GLY A 95 35.15 -18.89 8.19
CA GLY A 95 34.55 -20.16 8.62
C GLY A 95 33.07 -20.03 8.94
N SER A 96 32.58 -18.79 9.10
CA SER A 96 31.13 -18.56 9.28
C SER A 96 30.44 -18.17 7.97
N THR A 97 29.15 -18.46 7.88
CA THR A 97 28.32 -18.13 6.72
C THR A 97 27.22 -17.18 7.20
N TYR A 98 26.91 -16.16 6.40
CA TYR A 98 25.89 -15.18 6.76
C TYR A 98 24.89 -15.10 5.62
N ALA A 99 23.66 -14.72 5.95
CA ALA A 99 22.57 -14.61 4.97
C ALA A 99 21.42 -13.75 5.49
N CYS A 100 20.55 -13.35 4.57
CA CYS A 100 19.28 -12.75 4.89
C CYS A 100 18.15 -13.65 4.37
N LYS A 101 17.29 -14.14 5.29
CA LYS A 101 16.15 -14.97 4.90
CA LYS A 101 16.15 -14.98 4.92
C LYS A 101 14.90 -14.10 4.87
N VAL A 102 14.18 -14.15 3.75
CA VAL A 102 12.99 -13.31 3.54
C VAL A 102 11.75 -14.15 3.31
N GLU A 103 10.72 -13.87 4.13
CA GLU A 103 9.41 -14.48 3.99
CA GLU A 103 9.41 -14.47 3.93
C GLU A 103 8.39 -13.38 3.62
N HIS A 104 7.62 -13.62 2.56
CA HIS A 104 6.61 -12.65 2.12
C HIS A 104 5.52 -13.41 1.38
N GLU A 105 4.29 -12.94 1.53
CA GLU A 105 3.12 -13.46 0.84
C GLU A 105 3.34 -13.70 -0.67
N THR A 106 4.11 -12.83 -1.33
CA THR A 106 4.35 -12.95 -2.78
C THR A 106 5.36 -14.05 -3.13
N LEU A 107 6.09 -14.52 -2.12
CA LEU A 107 7.09 -15.57 -2.31
C LEU A 107 6.52 -16.91 -1.89
N LYS A 108 6.40 -17.82 -2.87
CA LYS A 108 5.94 -19.19 -2.68
C LYS A 108 6.75 -19.95 -1.61
N GLU A 109 8.07 -19.77 -1.62
CA GLU A 109 8.96 -20.33 -0.60
C GLU A 109 9.82 -19.19 -0.12
N PRO A 110 10.18 -19.19 1.18
CA PRO A 110 11.07 -18.14 1.68
C PRO A 110 12.40 -18.19 0.96
N GLN A 111 13.01 -17.04 0.77
CA GLN A 111 14.20 -16.94 -0.05
C GLN A 111 15.39 -16.55 0.80
N VAL A 112 16.51 -17.22 0.61
CA VAL A 112 17.73 -16.94 1.37
C VAL A 112 18.77 -16.23 0.49
N TYR A 113 19.17 -15.04 0.91
CA TYR A 113 20.15 -14.25 0.16
C TYR A 113 21.49 -14.30 0.91
N LYS A 114 22.47 -14.94 0.29
CA LYS A 114 23.79 -15.13 0.90
C LYS A 114 24.65 -13.86 0.90
N TRP A 115 25.44 -13.69 1.95
CA TRP A 115 26.46 -12.64 1.99
C TRP A 115 27.82 -13.29 1.97
N ASP A 116 28.67 -12.85 1.05
CA ASP A 116 30.07 -13.27 1.03
C ASP A 116 31.00 -12.15 1.48
N PRO A 117 31.84 -12.42 2.51
CA PRO A 117 32.82 -11.42 2.95
C PRO A 117 33.89 -11.11 1.89
N ALA B 21 -9.21 -10.79 1.90
CA ALA B 21 -9.14 -11.48 0.59
C ALA B 21 -9.96 -10.75 -0.49
N ASP B 22 -11.01 -10.04 -0.08
CA ASP B 22 -11.83 -9.29 -1.02
C ASP B 22 -11.21 -7.92 -1.26
N LEU B 23 -10.82 -7.66 -2.51
CA LEU B 23 -10.13 -6.41 -2.88
C LEU B 23 -10.89 -5.49 -3.86
N THR B 24 -12.19 -5.73 -4.02
CA THR B 24 -13.06 -4.84 -4.80
C THR B 24 -13.37 -3.59 -3.97
N PRO B 25 -13.60 -2.44 -4.62
CA PRO B 25 -13.91 -1.23 -3.84
C PRO B 25 -15.27 -1.37 -3.13
N LYS B 26 -15.30 -0.94 -1.88
CA LYS B 26 -16.53 -0.90 -1.10
C LYS B 26 -16.94 0.56 -1.13
N VAL B 27 -18.09 0.84 -1.73
CA VAL B 27 -18.43 2.21 -2.09
C VAL B 27 -19.66 2.73 -1.34
N GLN B 28 -19.56 3.97 -0.87
CA GLN B 28 -20.69 4.67 -0.28
CA GLN B 28 -20.71 4.67 -0.31
C GLN B 28 -20.87 6.01 -1.00
N VAL B 29 -22.11 6.32 -1.38
CA VAL B 29 -22.44 7.61 -1.99
C VAL B 29 -23.47 8.26 -1.08
N TYR B 30 -23.23 9.52 -0.70
CA TYR B 30 -24.08 10.12 0.32
C TYR B 30 -23.90 11.64 0.32
N SER B 31 -24.92 12.36 0.75
CA SER B 31 -24.79 13.79 0.86
C SER B 31 -24.40 14.18 2.28
N ARG B 32 -23.73 15.32 2.42
CA ARG B 32 -23.32 15.84 3.72
C ARG B 32 -24.55 16.03 4.62
N PHE B 33 -25.56 16.71 4.09
CA PHE B 33 -26.81 16.93 4.82
C PHE B 33 -27.96 16.17 4.16
N PRO B 34 -28.99 15.80 4.95
CA PRO B 34 -30.19 15.27 4.32
C PRO B 34 -30.64 16.17 3.16
N ALA B 35 -31.01 15.55 2.05
CA ALA B 35 -31.24 16.30 0.82
C ALA B 35 -32.41 17.25 0.95
N SER B 36 -32.22 18.47 0.46
CA SER B 36 -33.29 19.44 0.39
C SER B 36 -33.10 20.25 -0.90
N ALA B 37 -34.03 20.11 -1.84
CA ALA B 37 -33.93 20.78 -3.15
C ALA B 37 -33.76 22.30 -2.94
N GLY B 38 -32.76 22.89 -3.61
CA GLY B 38 -32.45 24.32 -3.44
C GLY B 38 -31.42 24.65 -2.36
N THR B 39 -31.14 23.69 -1.47
CA THR B 39 -30.22 23.93 -0.36
C THR B 39 -28.82 23.45 -0.69
N LYS B 40 -27.82 24.35 -0.58
CA LYS B 40 -26.41 23.98 -0.78
C LYS B 40 -26.03 22.75 0.06
N ASN B 41 -25.24 21.87 -0.55
CA ASN B 41 -24.91 20.58 0.05
C ASN B 41 -23.59 20.13 -0.56
N VAL B 42 -23.13 18.93 -0.20
CA VAL B 42 -21.92 18.34 -0.75
C VAL B 42 -22.25 16.87 -1.04
N LEU B 43 -21.90 16.39 -2.22
CA LEU B 43 -22.10 14.98 -2.57
C LEU B 43 -20.77 14.26 -2.43
N ASN B 44 -20.79 13.08 -1.81
CA ASN B 44 -19.57 12.35 -1.51
C ASN B 44 -19.66 10.96 -2.09
N CYS B 45 -18.54 10.47 -2.60
CA CYS B 45 -18.41 9.06 -2.97
C CYS B 45 -17.12 8.54 -2.37
N PHE B 46 -17.25 7.52 -1.51
CA PHE B 46 -16.11 7.02 -0.73
C PHE B 46 -15.88 5.58 -1.12
N ALA B 47 -14.71 5.28 -1.67
CA ALA B 47 -14.32 3.93 -2.01
C ALA B 47 -13.20 3.49 -1.06
N ALA B 48 -13.35 2.30 -0.47
CA ALA B 48 -12.33 1.75 0.42
C ALA B 48 -12.20 0.24 0.26
N GLY B 49 -11.11 -0.31 0.75
CA GLY B 49 -10.92 -1.76 0.77
C GLY B 49 -10.46 -2.35 -0.55
N PHE B 50 -9.89 -1.52 -1.42
CA PHE B 50 -9.43 -2.03 -2.73
C PHE B 50 -7.92 -2.13 -2.89
N HIS B 51 -7.52 -2.99 -3.83
CA HIS B 51 -6.15 -3.10 -4.29
C HIS B 51 -6.22 -3.70 -5.71
N PRO B 52 -5.41 -3.19 -6.66
CA PRO B 52 -4.37 -2.16 -6.55
C PRO B 52 -4.91 -0.74 -6.31
N PRO B 53 -4.02 0.23 -6.07
CA PRO B 53 -4.49 1.57 -5.77
C PRO B 53 -5.10 2.33 -6.95
N LYS B 54 -4.85 1.91 -8.19
CA LYS B 54 -5.42 2.61 -9.34
C LYS B 54 -6.94 2.43 -9.39
N ILE B 55 -7.66 3.55 -9.40
CA ILE B 55 -9.13 3.53 -9.38
C ILE B 55 -9.68 4.78 -10.06
N SER B 56 -10.80 4.62 -10.77
CA SER B 56 -11.55 5.73 -11.33
CA SER B 56 -11.54 5.75 -11.30
C SER B 56 -12.85 5.84 -10.54
N ILE B 57 -13.11 7.03 -10.01
CA ILE B 57 -14.31 7.28 -9.23
C ILE B 57 -14.89 8.59 -9.75
N THR B 58 -16.15 8.57 -10.18
CA THR B 58 -16.70 9.76 -10.85
C THR B 58 -18.09 10.04 -10.37
N LEU B 59 -18.26 11.22 -9.77
CA LEU B 59 -19.57 11.74 -9.42
C LEU B 59 -20.30 12.15 -10.70
N MET B 60 -21.57 11.74 -10.81
CA MET B 60 -22.37 11.92 -12.00
C MET B 60 -23.67 12.63 -11.65
N LYS B 61 -24.11 13.51 -12.55
CA LYS B 61 -25.41 14.15 -12.48
C LYS B 61 -26.01 14.06 -13.86
N ASP B 62 -27.21 13.48 -13.95
CA ASP B 62 -27.93 13.36 -15.22
C ASP B 62 -27.04 12.75 -16.30
N GLY B 63 -26.31 11.71 -15.91
CA GLY B 63 -25.53 10.88 -16.83
C GLY B 63 -24.21 11.47 -17.29
N VAL B 64 -23.82 12.60 -16.69
CA VAL B 64 -22.62 13.33 -17.09
C VAL B 64 -21.78 13.64 -15.83
N PRO B 65 -20.45 13.60 -15.94
CA PRO B 65 -19.67 13.88 -14.74
C PRO B 65 -19.97 15.27 -14.17
N MET B 66 -20.14 15.34 -12.86
CA MET B 66 -20.39 16.62 -12.18
CA MET B 66 -20.40 16.60 -12.14
C MET B 66 -19.16 17.49 -12.18
N GLU B 67 -19.35 18.76 -12.47
CA GLU B 67 -18.27 19.71 -12.37
C GLU B 67 -18.00 20.04 -10.91
N GLY B 68 -16.77 20.44 -10.63
CA GLY B 68 -16.39 20.92 -9.31
C GLY B 68 -15.92 19.85 -8.35
N ALA B 69 -15.73 18.62 -8.83
CA ALA B 69 -15.31 17.54 -7.94
C ALA B 69 -13.87 17.72 -7.44
N GLN B 70 -13.65 17.35 -6.19
CA GLN B 70 -12.32 17.41 -5.59
C GLN B 70 -12.00 16.04 -5.02
N TYR B 71 -10.81 15.53 -5.35
CA TYR B 71 -10.39 14.20 -4.94
C TYR B 71 -9.33 14.27 -3.85
N SER B 72 -9.46 13.39 -2.86
CA SER B 72 -8.44 13.27 -1.81
C SER B 72 -7.21 12.56 -2.35
N ASP B 73 -6.14 12.59 -1.56
CA ASP B 73 -5.03 11.67 -1.77
C ASP B 73 -5.56 10.26 -1.61
N MET B 74 -4.93 9.29 -2.28
CA MET B 74 -5.14 7.87 -1.97
C MET B 74 -4.47 7.64 -0.64
N SER B 75 -5.04 6.78 0.20
CA SER B 75 -4.42 6.40 1.46
CA SER B 75 -4.37 6.39 1.43
C SER B 75 -4.53 4.90 1.65
N PHE B 76 -3.64 4.33 2.45
CA PHE B 76 -3.72 2.90 2.74
C PHE B 76 -4.11 2.66 4.20
N ASN B 77 -4.60 1.45 4.45
CA ASN B 77 -5.06 1.08 5.78
C ASN B 77 -4.35 -0.20 6.23
N ASP B 78 -4.40 -0.48 7.53
CA ASP B 78 -3.68 -1.63 8.08
C ASP B 78 -4.26 -2.98 7.63
N ASP B 79 -5.36 -2.96 6.88
CA ASP B 79 -5.84 -4.20 6.23
C ASP B 79 -5.18 -4.44 4.85
N TRP B 80 -4.17 -3.62 4.55
CA TRP B 80 -3.37 -3.68 3.32
CA TRP B 80 -3.37 -3.68 3.31
C TRP B 80 -4.16 -3.32 2.06
N THR B 81 -5.13 -2.43 2.21
CA THR B 81 -5.96 -1.99 1.09
C THR B 81 -5.95 -0.47 1.04
N PHE B 82 -6.49 0.08 -0.04
CA PHE B 82 -6.53 1.52 -0.25
C PHE B 82 -7.93 2.12 -0.18
N GLN B 83 -7.98 3.44 -0.07
CA GLN B 83 -9.22 4.19 -0.09
C GLN B 83 -9.01 5.55 -0.75
N ARG B 84 -10.12 6.16 -1.15
CA ARG B 84 -10.11 7.52 -1.68
C ARG B 84 -11.49 8.12 -1.44
N LEU B 85 -11.53 9.43 -1.23
CA LEU B 85 -12.77 10.18 -1.18
C LEU B 85 -12.86 11.22 -2.29
N VAL B 86 -14.04 11.29 -2.90
CA VAL B 86 -14.33 12.37 -3.84
CA VAL B 86 -14.36 12.32 -3.88
C VAL B 86 -15.59 13.09 -3.40
N HIS B 87 -15.54 14.42 -3.45
CA HIS B 87 -16.68 15.24 -3.04
C HIS B 87 -16.84 16.45 -3.95
N ALA B 88 -18.08 16.91 -4.09
CA ALA B 88 -18.36 18.10 -4.88
C ALA B 88 -19.45 18.89 -4.18
N ASP B 89 -19.25 20.20 -4.00
CA ASP B 89 -20.36 21.07 -3.60
C ASP B 89 -21.47 20.94 -4.65
N PHE B 90 -22.71 20.78 -4.20
CA PHE B 90 -23.83 20.74 -5.11
C PHE B 90 -25.13 21.15 -4.42
N THR B 91 -26.12 21.51 -5.22
CA THR B 91 -27.44 21.87 -4.75
C THR B 91 -28.37 20.88 -5.45
N PRO B 92 -28.84 19.87 -4.71
CA PRO B 92 -29.67 18.83 -5.34
C PRO B 92 -30.93 19.44 -5.96
N SER B 93 -31.26 19.01 -7.19
CA SER B 93 -32.55 19.36 -7.79
C SER B 93 -33.44 18.13 -7.92
N SER B 94 -34.74 18.31 -7.74
CA SER B 94 -35.70 17.24 -7.93
CA SER B 94 -35.69 17.24 -7.93
C SER B 94 -35.75 16.91 -9.42
N GLY B 95 -35.87 15.62 -9.74
CA GLY B 95 -35.91 15.24 -11.15
C GLY B 95 -34.55 15.19 -11.83
N SER B 96 -33.49 15.61 -11.13
CA SER B 96 -32.13 15.22 -11.53
C SER B 96 -31.75 13.93 -10.81
N THR B 97 -30.91 13.12 -11.45
CA THR B 97 -30.40 11.90 -10.83
C THR B 97 -28.90 12.04 -10.61
N TYR B 98 -28.40 11.41 -9.54
CA TYR B 98 -26.99 11.51 -9.15
C TYR B 98 -26.48 10.12 -8.88
N ALA B 99 -25.18 9.92 -9.15
CA ALA B 99 -24.54 8.63 -9.00
C ALA B 99 -23.03 8.74 -8.88
N CYS B 100 -22.40 7.66 -8.44
CA CYS B 100 -20.97 7.55 -8.46
C CYS B 100 -20.61 6.33 -9.29
N LYS B 101 -19.80 6.55 -10.33
CA LYS B 101 -19.39 5.48 -11.24
C LYS B 101 -17.97 5.09 -10.88
N VAL B 102 -17.75 3.79 -10.68
CA VAL B 102 -16.44 3.31 -10.24
C VAL B 102 -15.88 2.28 -11.22
N GLU B 103 -14.64 2.51 -11.62
CA GLU B 103 -13.90 1.62 -12.48
C GLU B 103 -12.67 1.14 -11.70
N HIS B 104 -12.49 -0.18 -11.61
CA HIS B 104 -11.33 -0.75 -10.92
C HIS B 104 -11.03 -2.11 -11.51
N GLU B 105 -9.76 -2.51 -11.56
CA GLU B 105 -9.40 -3.76 -12.25
C GLU B 105 -10.05 -5.02 -11.66
N THR B 106 -10.46 -4.97 -10.39
CA THR B 106 -11.17 -6.10 -9.76
C THR B 106 -12.63 -6.18 -10.22
N LEU B 107 -13.13 -5.09 -10.81
CA LEU B 107 -14.52 -5.03 -11.29
C LEU B 107 -14.60 -5.34 -12.78
N LYS B 108 -15.27 -6.44 -13.12
CA LYS B 108 -15.43 -6.92 -14.49
C LYS B 108 -16.03 -5.87 -15.45
N GLU B 109 -16.94 -5.06 -14.91
CA GLU B 109 -17.47 -3.89 -15.62
C GLU B 109 -17.69 -2.75 -14.61
N PRO B 110 -17.65 -1.49 -15.08
CA PRO B 110 -17.81 -0.39 -14.12
C PRO B 110 -19.13 -0.53 -13.38
N GLN B 111 -19.15 -0.06 -12.14
CA GLN B 111 -20.32 -0.12 -11.30
C GLN B 111 -20.80 1.28 -11.01
N VAL B 112 -22.11 1.47 -11.11
CA VAL B 112 -22.75 2.74 -10.85
C VAL B 112 -23.53 2.62 -9.54
N TYR B 113 -23.22 3.51 -8.59
CA TYR B 113 -23.86 3.54 -7.29
C TYR B 113 -24.77 4.77 -7.23
N LYS B 114 -26.08 4.54 -7.22
CA LYS B 114 -27.05 5.63 -7.25
C LYS B 114 -27.16 6.33 -5.89
N TRP B 115 -27.29 7.64 -5.92
CA TRP B 115 -27.61 8.40 -4.72
C TRP B 115 -29.10 8.64 -4.70
N ASP B 116 -29.76 8.19 -3.65
CA ASP B 116 -31.18 8.50 -3.48
C ASP B 116 -31.33 9.62 -2.46
N PRO B 117 -31.91 10.75 -2.88
CA PRO B 117 -32.20 11.85 -1.93
C PRO B 117 -33.53 11.70 -1.17
#